data_9CGF
#
_entry.id   9CGF
#
_cell.length_a   76.030
_cell.length_b   76.030
_cell.length_c   76.140
_cell.angle_alpha   90.000
_cell.angle_beta   90.000
_cell.angle_gamma   120.000
#
_symmetry.space_group_name_H-M   'P 31 2 1'
#
loop_
_entity.id
_entity.type
_entity.pdbx_description
1 polymer 'Protein deglycase DJ-1'
2 non-polymer 1-hydroxypropan-2-one
3 water water
#
_entity_poly.entity_id   1
_entity_poly.type   'polypeptide(L)'
_entity_poly.pdbx_seq_one_letter_code
;GSHMASKRALVILAKGAEEMETVIPVDVMRRAGIKVTVAGLAGKDPVQCSRDVVICPDASLEDAKKEGPYDVVVLPGGNL
GAQNLSESAAVKEILKEQENRKGLIAAICAGPTALLAHEIGFGSKVTTHPLAKDKMMNGGHYTYSENRVEKDGLILTSRG
PGTSFEFALAIVEALNGKEVAAQVKAPLVLKD
;
_entity_poly.pdbx_strand_id   A
#
loop_
_chem_comp.id
_chem_comp.type
_chem_comp.name
_chem_comp.formula
4Y8 non-polymer 1-hydroxypropan-2-one 'C3 H6 O2'
#
# COMPACT_ATOMS: atom_id res chain seq x y z
N ALA A 5 -11.96 -15.07 -11.54
CA ALA A 5 -12.81 -13.95 -11.14
C ALA A 5 -12.36 -13.37 -9.81
N SER A 6 -11.19 -13.79 -9.33
CA SER A 6 -10.67 -13.39 -8.03
C SER A 6 -9.68 -12.25 -8.20
N LYS A 7 -9.88 -11.18 -7.43
CA LYS A 7 -8.96 -10.06 -7.44
C LYS A 7 -7.66 -10.42 -6.74
N ARG A 8 -6.56 -9.77 -7.15
CA ARG A 8 -5.23 -10.08 -6.65
C ARG A 8 -4.57 -8.81 -6.13
N ALA A 9 -3.93 -8.92 -4.97
CA ALA A 9 -3.23 -7.81 -4.34
C ALA A 9 -1.78 -8.18 -4.10
N LEU A 10 -0.89 -7.22 -4.35
CA LEU A 10 0.54 -7.38 -4.10
C LEU A 10 0.94 -6.40 -3.00
N VAL A 11 1.49 -6.95 -1.90
CA VAL A 11 2.00 -6.16 -0.80
C VAL A 11 3.51 -6.33 -0.79
N ILE A 12 4.24 -5.22 -0.94
CA ILE A 12 5.70 -5.25 -1.02
C ILE A 12 6.24 -4.97 0.37
N LEU A 13 7.01 -5.92 0.90
CA LEU A 13 7.47 -5.88 2.29
C LEU A 13 8.98 -5.73 2.32
N ALA A 14 9.45 -4.62 2.86
CA ALA A 14 10.88 -4.34 2.98
C ALA A 14 11.23 -4.15 4.45
N LYS A 15 12.52 -4.36 4.75
CA LYS A 15 13.00 -4.15 6.10
C LYS A 15 12.68 -2.73 6.57
N GLY A 16 12.28 -2.61 7.83
CA GLY A 16 11.90 -1.33 8.37
C GLY A 16 10.47 -0.93 8.12
N ALA A 17 9.69 -1.76 7.42
CA ALA A 17 8.29 -1.47 7.20
C ALA A 17 7.54 -1.45 8.52
N GLU A 18 6.46 -0.67 8.56
CA GLU A 18 5.59 -0.61 9.74
C GLU A 18 4.71 -1.86 9.73
N GLU A 19 4.92 -2.75 10.70
CA GLU A 19 4.25 -4.04 10.66
C GLU A 19 2.74 -3.91 10.81
N MET A 20 2.26 -2.88 11.52
CA MET A 20 0.82 -2.70 11.62
C MET A 20 0.21 -2.30 10.28
N GLU A 21 0.91 -1.43 9.54
CA GLU A 21 0.45 -1.02 8.21
C GLU A 21 0.61 -2.12 7.17
N THR A 22 1.31 -3.21 7.51
CA THR A 22 1.45 -4.34 6.61
C THR A 22 0.40 -5.42 6.90
N VAL A 23 0.17 -5.71 8.19
CA VAL A 23 -0.66 -6.84 8.56
C VAL A 23 -2.15 -6.50 8.46
N ILE A 24 -2.52 -5.28 8.82
CA ILE A 24 -3.94 -4.90 8.77
C ILE A 24 -4.49 -4.98 7.35
N PRO A 25 -3.87 -4.36 6.34
CA PRO A 25 -4.42 -4.49 4.99
C PRO A 25 -4.41 -5.92 4.46
N VAL A 26 -3.34 -6.66 4.73
CA VAL A 26 -3.29 -8.06 4.31
C VAL A 26 -4.44 -8.85 4.93
N ASP A 27 -4.60 -8.74 6.24
CA ASP A 27 -5.67 -9.44 6.94
C ASP A 27 -7.04 -9.03 6.39
N VAL A 28 -7.29 -7.72 6.33
CA VAL A 28 -8.61 -7.25 5.93
C VAL A 28 -8.91 -7.63 4.48
N MET A 29 -7.89 -7.61 3.63
CA MET A 29 -8.12 -7.94 2.22
C MET A 29 -8.42 -9.43 2.05
N ARG A 30 -7.76 -10.29 2.84
CA ARG A 30 -8.07 -11.71 2.77
C ARG A 30 -9.44 -12.01 3.35
N ARG A 31 -9.90 -11.22 4.33
CA ARG A 31 -11.28 -11.34 4.79
C ARG A 31 -12.26 -11.03 3.67
N ALA A 32 -11.88 -10.16 2.74
CA ALA A 32 -12.72 -9.80 1.61
C ALA A 32 -12.60 -10.79 0.45
N GLY A 33 -11.87 -11.87 0.63
CA GLY A 33 -11.70 -12.85 -0.43
C GLY A 33 -10.68 -12.48 -1.49
N ILE A 34 -9.88 -11.46 -1.25
CA ILE A 34 -8.83 -11.07 -2.19
C ILE A 34 -7.62 -11.97 -2.01
N LYS A 35 -7.03 -12.40 -3.13
CA LYS A 35 -5.80 -13.19 -3.10
CA LYS A 35 -5.81 -13.19 -3.09
C LYS A 35 -4.62 -12.25 -2.93
N VAL A 36 -3.99 -12.28 -1.75
CA VAL A 36 -2.92 -11.37 -1.40
C VAL A 36 -1.60 -12.11 -1.43
N THR A 37 -0.60 -11.51 -2.08
CA THR A 37 0.78 -11.98 -2.04
C THR A 37 1.61 -10.96 -1.29
N VAL A 38 2.20 -11.38 -0.18
CA VAL A 38 3.14 -10.55 0.57
C VAL A 38 4.53 -10.87 0.05
N ALA A 39 5.09 -9.97 -0.74
CA ALA A 39 6.33 -10.22 -1.47
C ALA A 39 7.49 -9.51 -0.77
N GLY A 40 8.53 -10.27 -0.44
CA GLY A 40 9.71 -9.70 0.17
C GLY A 40 10.56 -8.99 -0.85
N LEU A 41 10.88 -7.72 -0.57
CA LEU A 41 11.70 -6.94 -1.49
C LEU A 41 13.03 -7.62 -1.77
N ALA A 42 13.67 -8.14 -0.72
CA ALA A 42 15.03 -8.68 -0.82
C ALA A 42 15.08 -10.19 -1.01
N GLY A 43 13.93 -10.85 -1.09
CA GLY A 43 13.87 -12.28 -1.26
C GLY A 43 12.80 -12.89 -0.38
N LYS A 44 12.88 -14.21 -0.23
CA LYS A 44 11.91 -14.98 0.55
C LYS A 44 12.21 -14.98 2.04
N ASP A 45 13.35 -14.45 2.45
CA ASP A 45 13.77 -14.57 3.84
C ASP A 45 12.91 -13.70 4.75
N PRO A 46 12.83 -14.04 6.04
CA PRO A 46 11.98 -13.27 6.96
C PRO A 46 12.42 -11.81 7.03
N VAL A 47 11.44 -10.94 7.26
CA VAL A 47 11.64 -9.49 7.20
C VAL A 47 11.44 -8.92 8.59
N GLN A 48 12.47 -8.23 9.10
CA GLN A 48 12.40 -7.56 10.39
C GLN A 48 11.76 -6.20 10.20
N CYS A 49 10.56 -6.01 10.75
CA CYS A 49 9.83 -4.77 10.58
C CYS A 49 10.32 -3.72 11.59
N SER A 50 9.69 -2.55 11.54
CA SER A 50 10.22 -1.39 12.25
C SER A 50 10.26 -1.60 13.75
N ARG A 51 9.24 -2.29 14.30
CA ARG A 51 9.19 -2.57 15.73
C ARG A 51 9.57 -4.01 16.04
N ASP A 52 10.45 -4.60 15.22
CA ASP A 52 11.09 -5.89 15.45
C ASP A 52 10.15 -7.08 15.32
N VAL A 53 8.92 -6.88 14.84
CA VAL A 53 8.10 -8.01 14.42
C VAL A 53 8.70 -8.59 13.15
N VAL A 54 8.86 -9.91 13.11
CA VAL A 54 9.48 -10.59 11.99
C VAL A 54 8.39 -11.35 11.24
N ILE A 55 8.24 -11.08 9.95
CA ILE A 55 7.20 -11.65 9.11
C ILE A 55 7.84 -12.45 7.99
N CYS A 56 7.30 -13.64 7.73
CA CYS A 56 7.77 -14.45 6.61
C CYS A 56 6.95 -14.11 5.37
N PRO A 57 7.57 -13.62 4.30
CA PRO A 57 6.78 -13.29 3.10
CA PRO A 57 6.78 -13.29 3.10
C PRO A 57 6.33 -14.55 2.38
N ASP A 58 5.28 -14.38 1.57
CA ASP A 58 4.77 -15.48 0.77
C ASP A 58 5.71 -15.82 -0.38
N ALA A 59 6.46 -14.85 -0.87
CA ALA A 59 7.31 -15.04 -2.04
C ALA A 59 8.29 -13.89 -2.12
N SER A 60 9.34 -14.10 -2.90
CA SER A 60 10.23 -13.00 -3.26
C SER A 60 9.51 -12.08 -4.24
N LEU A 61 9.93 -10.81 -4.26
CA LEU A 61 9.36 -9.88 -5.23
C LEU A 61 9.69 -10.31 -6.65
N GLU A 62 10.87 -10.89 -6.85
CA GLU A 62 11.23 -11.38 -8.19
C GLU A 62 10.23 -12.42 -8.69
N ASP A 63 9.84 -13.37 -7.83
CA ASP A 63 8.88 -14.39 -8.22
C ASP A 63 7.48 -13.80 -8.39
N ALA A 64 7.04 -13.00 -7.42
CA ALA A 64 5.70 -12.44 -7.48
C ALA A 64 5.53 -11.54 -8.70
N LYS A 65 6.61 -10.88 -9.14
CA LYS A 65 6.54 -10.04 -10.33
C LYS A 65 6.06 -10.84 -11.54
N LYS A 66 6.50 -12.10 -11.65
CA LYS A 66 6.17 -12.92 -12.81
C LYS A 66 4.73 -13.42 -12.81
N GLU A 67 4.05 -13.36 -11.67
CA GLU A 67 2.69 -13.88 -11.54
C GLU A 67 1.64 -12.78 -11.54
N GLY A 68 1.97 -11.62 -12.09
CA GLY A 68 1.00 -10.55 -12.23
C GLY A 68 0.01 -10.84 -13.35
N PRO A 69 -0.81 -9.85 -13.71
CA PRO A 69 -0.86 -8.51 -13.10
C PRO A 69 -1.68 -8.51 -11.81
N TYR A 70 -1.56 -7.44 -11.03
CA TYR A 70 -2.29 -7.31 -9.77
C TYR A 70 -3.28 -6.16 -9.87
N ASP A 71 -4.44 -6.35 -9.24
CA ASP A 71 -5.45 -5.30 -9.24
C ASP A 71 -5.08 -4.14 -8.32
N VAL A 72 -4.24 -4.39 -7.31
CA VAL A 72 -3.73 -3.31 -6.45
C VAL A 72 -2.32 -3.67 -6.04
N VAL A 73 -1.45 -2.66 -6.02
CA VAL A 73 -0.11 -2.75 -5.43
C VAL A 73 -0.12 -1.89 -4.17
N VAL A 74 0.28 -2.50 -3.05
CA VAL A 74 0.17 -1.87 -1.74
C VAL A 74 1.57 -1.60 -1.22
N LEU A 75 1.82 -0.35 -0.82
CA LEU A 75 3.11 0.04 -0.25
C LEU A 75 2.92 0.41 1.21
N PRO A 76 3.33 -0.42 2.16
CA PRO A 76 3.25 -0.03 3.57
C PRO A 76 4.18 1.14 3.86
N GLY A 77 4.00 1.71 5.04
CA GLY A 77 4.84 2.79 5.52
C GLY A 77 5.99 2.30 6.35
N GLY A 78 6.39 3.13 7.31
CA GLY A 78 7.64 2.93 8.02
C GLY A 78 8.73 3.69 7.31
N ASN A 79 9.41 4.60 8.01
CA ASN A 79 10.37 5.49 7.37
C ASN A 79 11.44 4.71 6.62
N LEU A 80 12.08 3.75 7.29
CA LEU A 80 13.15 3.00 6.64
C LEU A 80 12.61 2.04 5.59
N GLY A 81 11.43 1.47 5.82
CA GLY A 81 10.80 0.66 4.79
C GLY A 81 10.53 1.44 3.53
N ALA A 82 10.02 2.67 3.68
CA ALA A 82 9.72 3.50 2.52
C ALA A 82 11.00 3.91 1.78
N GLN A 83 12.09 4.14 2.51
N GLN A 83 12.08 4.15 2.51
CA GLN A 83 13.34 4.48 1.85
CA GLN A 83 13.34 4.48 1.86
C GLN A 83 13.86 3.31 1.02
C GLN A 83 13.83 3.31 1.00
N ASN A 84 13.72 2.09 1.53
CA ASN A 84 14.11 0.92 0.75
C ASN A 84 13.26 0.79 -0.50
N LEU A 85 11.94 1.02 -0.37
CA LEU A 85 11.07 0.98 -1.55
C LEU A 85 11.45 2.05 -2.55
N SER A 86 11.89 3.22 -2.06
CA SER A 86 12.21 4.32 -2.96
C SER A 86 13.50 4.07 -3.74
N GLU A 87 14.40 3.25 -3.20
CA GLU A 87 15.68 3.00 -3.84
C GLU A 87 15.66 1.79 -4.77
N SER A 88 14.58 1.02 -4.80
CA SER A 88 14.54 -0.23 -5.53
C SER A 88 14.09 -0.02 -6.97
N ALA A 89 14.90 -0.50 -7.92
CA ALA A 89 14.53 -0.42 -9.32
C ALA A 89 13.38 -1.36 -9.63
N ALA A 90 13.34 -2.53 -8.98
CA ALA A 90 12.25 -3.47 -9.19
C ALA A 90 10.91 -2.84 -8.82
N VAL A 91 10.89 -2.02 -7.76
CA VAL A 91 9.65 -1.34 -7.38
C VAL A 91 9.27 -0.31 -8.42
N LYS A 92 10.24 0.43 -8.94
CA LYS A 92 9.96 1.40 -10.00
C LYS A 92 9.29 0.73 -11.18
N GLU A 93 9.82 -0.43 -11.60
CA GLU A 93 9.24 -1.13 -12.74
C GLU A 93 7.82 -1.58 -12.46
N ILE A 94 7.56 -2.12 -11.26
CA ILE A 94 6.23 -2.58 -10.91
C ILE A 94 5.25 -1.41 -10.89
N LEU A 95 5.65 -0.29 -10.30
CA LEU A 95 4.73 0.84 -10.18
C LEU A 95 4.45 1.48 -11.53
N LYS A 96 5.49 1.69 -12.35
N LYS A 96 5.49 1.70 -12.34
CA LYS A 96 5.28 2.27 -13.67
CA LYS A 96 5.27 2.27 -13.68
C LYS A 96 4.38 1.39 -14.53
C LYS A 96 4.35 1.38 -14.51
N GLU A 97 4.57 0.07 -14.47
CA GLU A 97 3.70 -0.85 -15.18
C GLU A 97 2.27 -0.74 -14.67
N GLN A 98 2.10 -0.73 -13.35
CA GLN A 98 0.77 -0.62 -12.77
C GLN A 98 0.09 0.68 -13.19
N GLU A 99 0.84 1.78 -13.22
CA GLU A 99 0.26 3.05 -13.63
C GLU A 99 -0.15 3.01 -15.11
N ASN A 100 0.65 2.37 -15.96
CA ASN A 100 0.33 2.33 -17.38
C ASN A 100 -0.97 1.56 -17.64
N ARG A 101 -1.12 0.40 -17.00
CA ARG A 101 -2.34 -0.39 -17.16
C ARG A 101 -3.48 0.12 -16.29
N LYS A 102 -3.32 1.26 -15.65
CA LYS A 102 -4.40 1.93 -14.92
C LYS A 102 -4.91 1.05 -13.78
N GLY A 103 -4.00 0.32 -13.14
CA GLY A 103 -4.32 -0.41 -11.93
C GLY A 103 -4.17 0.47 -10.70
N LEU A 104 -4.74 -0.01 -9.59
CA LEU A 104 -4.75 0.76 -8.36
C LEU A 104 -3.40 0.69 -7.66
N ILE A 105 -2.97 1.81 -7.09
CA ILE A 105 -1.75 1.91 -6.30
C ILE A 105 -2.14 2.49 -4.94
N ALA A 106 -1.77 1.79 -3.87
CA ALA A 106 -2.14 2.18 -2.51
C ALA A 106 -0.90 2.28 -1.65
N ALA A 107 -0.77 3.39 -0.92
CA ALA A 107 0.38 3.63 -0.06
C ALA A 107 -0.09 4.40 1.17
N ILE A 108 0.53 4.11 2.32
CA ILE A 108 0.07 4.64 3.59
C ILE A 108 1.25 5.16 4.41
N CYS A 109 1.04 6.31 5.05
CA CYS A 109 1.99 6.90 6.00
C CYS A 109 3.20 7.47 5.27
N ALA A 110 4.36 6.84 5.41
CA ALA A 110 5.54 7.23 4.64
C ALA A 110 5.59 6.56 3.28
N GLY A 111 4.76 5.54 3.04
CA GLY A 111 4.76 4.84 1.78
C GLY A 111 4.60 5.72 0.56
N PRO A 112 3.74 6.75 0.60
CA PRO A 112 3.54 7.59 -0.60
C PRO A 112 4.80 8.27 -1.08
N THR A 113 5.81 8.46 -0.22
CA THR A 113 7.05 9.09 -0.68
C THR A 113 7.77 8.24 -1.71
N ALA A 114 7.49 6.93 -1.75
CA ALA A 114 8.06 6.09 -2.80
C ALA A 114 7.49 6.46 -4.16
N LEU A 115 6.25 6.95 -4.20
CA LEU A 115 5.68 7.39 -5.47
C LEU A 115 6.46 8.56 -6.05
N LEU A 116 6.85 9.50 -5.19
CA LEU A 116 7.65 10.64 -5.66
C LEU A 116 8.99 10.17 -6.20
N ALA A 117 9.66 9.26 -5.47
CA ALA A 117 10.96 8.77 -5.92
C ALA A 117 10.89 8.15 -7.30
N HIS A 118 9.78 7.47 -7.61
CA HIS A 118 9.61 6.77 -8.87
C HIS A 118 8.77 7.54 -9.87
N GLU A 119 8.44 8.80 -9.56
CA GLU A 119 7.72 9.68 -10.49
C GLU A 119 6.38 9.06 -10.91
N ILE A 120 5.58 8.70 -9.91
CA ILE A 120 4.30 8.04 -10.11
C ILE A 120 3.17 9.00 -9.72
N GLY A 121 2.20 9.15 -10.61
CA GLY A 121 0.96 9.84 -10.28
C GLY A 121 1.09 11.33 -10.07
N PHE A 122 2.08 11.98 -10.68
CA PHE A 122 2.22 13.42 -10.54
C PHE A 122 0.92 14.12 -10.94
N GLY A 123 0.56 15.13 -10.16
CA GLY A 123 -0.68 15.86 -10.35
C GLY A 123 -1.83 15.35 -9.51
N SER A 124 -1.65 14.25 -8.77
CA SER A 124 -2.71 13.66 -7.97
C SER A 124 -2.76 14.32 -6.60
N LYS A 125 -3.95 14.31 -6.01
CA LYS A 125 -4.11 14.67 -4.60
C LYS A 125 -3.73 13.48 -3.74
N VAL A 126 -2.87 13.72 -2.75
CA VAL A 126 -2.34 12.66 -1.89
C VAL A 126 -2.24 13.16 -0.46
N THR A 127 -2.27 12.21 0.47
CA THR A 127 -1.98 12.47 1.87
C THR A 127 -0.81 11.59 2.31
N THR A 128 -0.21 11.97 3.42
CA THR A 128 0.87 11.20 4.03
C THR A 128 0.77 11.37 5.54
N HIS A 129 1.67 10.73 6.26
CA HIS A 129 1.83 11.07 7.66
C HIS A 129 2.27 12.52 7.76
N PRO A 130 1.80 13.27 8.76
CA PRO A 130 2.22 14.67 8.88
C PRO A 130 3.72 14.87 8.80
N LEU A 131 4.50 13.94 9.35
CA LEU A 131 5.95 14.08 9.36
C LEU A 131 6.58 13.80 8.00
N ALA A 132 5.84 13.22 7.06
CA ALA A 132 6.36 12.95 5.72
C ALA A 132 5.90 13.97 4.69
N LYS A 133 5.14 14.99 5.10
CA LYS A 133 4.55 15.92 4.14
C LYS A 133 5.63 16.66 3.36
N ASP A 134 6.60 17.25 4.07
CA ASP A 134 7.62 18.04 3.39
C ASP A 134 8.36 17.22 2.34
N LYS A 135 8.67 15.96 2.66
CA LYS A 135 9.37 15.11 1.69
C LYS A 135 8.47 14.83 0.48
N MET A 136 7.19 14.55 0.72
CA MET A 136 6.29 14.25 -0.37
C MET A 136 6.09 15.46 -1.29
N MET A 137 6.15 16.67 -0.73
CA MET A 137 5.82 17.88 -1.47
C MET A 137 7.03 18.56 -2.09
N ASN A 138 8.22 17.97 -1.99
CA ASN A 138 9.40 18.54 -2.61
C ASN A 138 9.20 18.63 -4.13
N GLY A 139 9.17 19.85 -4.65
CA GLY A 139 8.93 20.10 -6.05
C GLY A 139 7.49 20.45 -6.40
N GLY A 140 6.56 20.28 -5.46
CA GLY A 140 5.18 20.62 -5.73
C GLY A 140 4.53 19.77 -6.80
N HIS A 141 4.93 18.51 -6.92
CA HIS A 141 4.40 17.63 -7.96
C HIS A 141 3.05 17.03 -7.61
N TYR A 142 2.64 17.10 -6.34
CA TYR A 142 1.32 16.65 -5.90
C TYR A 142 0.61 17.79 -5.20
N THR A 143 -0.68 17.58 -4.95
CA THR A 143 -1.48 18.47 -4.11
C THR A 143 -1.79 17.74 -2.81
N TYR A 144 -1.56 18.40 -1.69
CA TYR A 144 -1.61 17.74 -0.40
C TYR A 144 -3.00 17.80 0.21
N SER A 145 -3.40 16.70 0.85
N SER A 145 -3.41 16.71 0.85
CA SER A 145 -4.67 16.59 1.53
CA SER A 145 -4.69 16.62 1.52
C SER A 145 -4.45 16.12 2.96
C SER A 145 -4.49 16.09 2.92
N GLU A 146 -5.30 16.59 3.86
CA GLU A 146 -5.26 16.18 5.26
CA GLU A 146 -5.25 16.16 5.25
C GLU A 146 -6.33 15.14 5.58
N ASN A 147 -7.03 14.62 4.58
CA ASN A 147 -8.01 13.58 4.81
C ASN A 147 -7.33 12.30 5.27
N ARG A 148 -8.03 11.55 6.12
CA ARG A 148 -7.46 10.33 6.66
C ARG A 148 -7.23 9.31 5.56
N VAL A 149 -8.12 9.27 4.57
CA VAL A 149 -7.93 8.48 3.36
C VAL A 149 -8.19 9.41 2.17
N GLU A 150 -7.31 9.32 1.17
CA GLU A 150 -7.43 10.13 -0.03
C GLU A 150 -7.31 9.24 -1.25
N LYS A 151 -8.23 9.40 -2.20
CA LYS A 151 -8.23 8.65 -3.44
C LYS A 151 -8.44 9.63 -4.59
N ASP A 152 -7.46 9.70 -5.50
CA ASP A 152 -7.54 10.56 -6.67
C ASP A 152 -7.16 9.72 -7.88
N GLY A 153 -8.15 9.38 -8.69
CA GLY A 153 -7.92 8.48 -9.81
C GLY A 153 -7.53 7.11 -9.32
N LEU A 154 -6.34 6.64 -9.72
CA LEU A 154 -5.85 5.32 -9.34
C LEU A 154 -4.86 5.37 -8.18
N ILE A 155 -4.77 6.50 -7.48
CA ILE A 155 -3.82 6.68 -6.39
C ILE A 155 -4.61 6.81 -5.09
N LEU A 156 -4.39 5.87 -4.18
CA LEU A 156 -5.09 5.82 -2.88
C LEU A 156 -4.04 5.93 -1.78
N THR A 157 -4.16 6.94 -0.94
CA THR A 157 -3.18 7.18 0.12
C THR A 157 -3.88 7.35 1.46
N SER A 158 -3.10 7.16 2.52
CA SER A 158 -3.60 7.25 3.89
C SER A 158 -2.45 7.71 4.78
N ARG A 159 -2.78 8.12 6.01
CA ARG A 159 -1.88 8.94 6.80
C ARG A 159 -1.01 8.19 7.80
N GLY A 160 -1.51 7.14 8.45
CA GLY A 160 -0.73 6.53 9.50
C GLY A 160 -1.27 5.21 10.01
N PRO A 161 -0.58 4.63 11.00
CA PRO A 161 -1.01 3.33 11.53
C PRO A 161 -2.46 3.33 11.98
N GLY A 162 -2.93 4.43 12.58
CA GLY A 162 -4.30 4.54 13.05
C GLY A 162 -5.33 4.70 11.96
N THR A 163 -4.91 4.92 10.72
CA THR A 163 -5.82 4.94 9.57
C THR A 163 -5.76 3.65 8.76
N SER A 164 -5.08 2.62 9.29
CA SER A 164 -4.84 1.41 8.50
C SER A 164 -6.14 0.68 8.17
N PHE A 165 -7.09 0.65 9.10
CA PHE A 165 -8.35 -0.03 8.83
C PHE A 165 -9.13 0.68 7.74
N GLU A 166 -9.26 2.01 7.85
CA GLU A 166 -9.95 2.77 6.81
C GLU A 166 -9.23 2.63 5.47
N PHE A 167 -7.90 2.67 5.50
CA PHE A 167 -7.11 2.47 4.30
C PHE A 167 -7.40 1.11 3.67
N ALA A 168 -7.43 0.06 4.50
CA ALA A 168 -7.67 -1.29 3.98
C ALA A 168 -9.08 -1.43 3.43
N LEU A 169 -10.08 -0.87 4.13
CA LEU A 169 -11.45 -0.99 3.67
C LEU A 169 -11.70 -0.18 2.41
N ALA A 170 -10.96 0.92 2.22
CA ALA A 170 -11.07 1.68 0.98
C ALA A 170 -10.61 0.84 -0.21
N ILE A 171 -9.55 0.05 -0.01
CA ILE A 171 -9.09 -0.85 -1.07
C ILE A 171 -10.17 -1.86 -1.41
N VAL A 172 -10.76 -2.48 -0.38
CA VAL A 172 -11.80 -3.48 -0.61
C VAL A 172 -12.95 -2.87 -1.40
N GLU A 173 -13.38 -1.67 -0.99
CA GLU A 173 -14.48 -1.01 -1.69
C GLU A 173 -14.12 -0.73 -3.14
N ALA A 174 -12.87 -0.32 -3.39
CA ALA A 174 -12.44 -0.06 -4.76
C ALA A 174 -12.45 -1.32 -5.60
N LEU A 175 -12.04 -2.45 -5.01
CA LEU A 175 -11.91 -3.71 -5.75
C LEU A 175 -13.22 -4.49 -5.79
N ASN A 176 -13.86 -4.69 -4.64
CA ASN A 176 -15.02 -5.57 -4.54
C ASN A 176 -16.34 -4.83 -4.32
N GLY A 177 -16.32 -3.53 -4.14
CA GLY A 177 -17.54 -2.75 -4.01
C GLY A 177 -17.91 -2.48 -2.57
N LYS A 178 -18.94 -1.63 -2.42
CA LYS A 178 -19.30 -1.10 -1.11
C LYS A 178 -19.95 -2.16 -0.22
N GLU A 179 -20.72 -3.07 -0.80
CA GLU A 179 -21.43 -4.07 0.01
CA GLU A 179 -21.43 -4.06 0.01
C GLU A 179 -20.45 -5.02 0.68
N VAL A 180 -19.43 -5.47 -0.05
CA VAL A 180 -18.46 -6.39 0.52
C VAL A 180 -17.68 -5.71 1.65
N ALA A 181 -17.24 -4.47 1.42
CA ALA A 181 -16.52 -3.74 2.44
C ALA A 181 -17.34 -3.64 3.73
N ALA A 182 -18.66 -3.40 3.60
CA ALA A 182 -19.49 -3.27 4.78
C ALA A 182 -19.66 -4.61 5.49
N GLN A 183 -19.76 -5.71 4.73
CA GLN A 183 -19.86 -7.03 5.33
CA GLN A 183 -19.88 -7.00 5.36
C GLN A 183 -18.58 -7.38 6.08
N VAL A 184 -17.43 -7.12 5.47
CA VAL A 184 -16.15 -7.41 6.11
C VAL A 184 -15.97 -6.55 7.34
N LYS A 185 -16.55 -5.35 7.35
CA LYS A 185 -16.30 -4.41 8.43
C LYS A 185 -17.03 -4.78 9.72
N ALA A 186 -18.24 -5.29 9.62
CA ALA A 186 -19.06 -5.46 10.83
C ALA A 186 -18.41 -6.34 11.89
N PRO A 187 -17.81 -7.49 11.57
CA PRO A 187 -17.22 -8.33 12.62
C PRO A 187 -15.95 -7.75 13.25
N LEU A 188 -15.40 -6.66 12.71
CA LEU A 188 -14.16 -6.11 13.25
C LEU A 188 -14.38 -5.29 14.52
N VAL A 189 -15.60 -4.84 14.76
CA VAL A 189 -15.91 -4.01 15.93
C VAL A 189 -15.14 -2.69 15.82
N LEU A 190 -15.22 -2.05 14.65
CA LEU A 190 -14.69 -0.70 14.49
C LEU A 190 -15.67 0.31 15.07
N LYS A 191 -15.14 1.47 15.48
CA LYS A 191 -15.99 2.47 16.09
C LYS A 191 -16.86 3.18 15.06
N ASP A 192 -16.25 3.73 14.02
CA ASP A 192 -16.99 4.44 12.97
C ASP A 192 -16.57 3.96 11.59
O 4Y8 B . 6.48 6.00 8.34
C 4Y8 B . 5.65 6.30 9.20
CM2 4Y8 B . 5.92 7.33 10.22
CM1 4Y8 B . 4.36 5.56 9.19
O1 4Y8 B . 4.62 4.40 8.50
H1 4Y8 B . 6.12 8.31 9.78
H2 4Y8 B . 6.79 7.10 10.84
H3 4Y8 B . 5.08 7.47 10.91
H5 4Y8 B . 3.96 5.37 10.22
H6 4Y8 B . 4.29 3.71 9.05
#